data_5KRJ
#
_entry.id   5KRJ
#
_cell.length_a   55.750
_cell.length_b   81.970
_cell.length_c   58.700
_cell.angle_alpha   90.00
_cell.angle_beta   111.11
_cell.angle_gamma   90.00
#
_symmetry.space_group_name_H-M   'P 1 21 1'
#
loop_
_entity.id
_entity.type
_entity.pdbx_description
1 polymer 'Estrogen receptor'
2 polymer NCOA2
3 non-polymer 'naphthalen-1-yl (1~{S},2~{R},4~{S})-5,6-bis(4-hydroxyphenyl)-7-oxabicyclo[2.2.1]hept-5-ene-2-sulfonate'
4 water water
#
loop_
_entity_poly.entity_id
_entity_poly.type
_entity_poly.pdbx_seq_one_letter_code
_entity_poly.pdbx_strand_id
1 'polypeptide(L)'
;IKRSKKNSLALSLTADQMVSALLDAEPPILYSEYDPTRPFSEASMMGLLTNLADRELVHMINWAKRVPGFVDLTLHDQVH
LLECAWLEILMIGLVWRSMEHPGKLLFAPNLLLDRNQGKCVEGMVEIFDMLLATSSRFRMMNLQGEEFVCLKSIILLNSG
VYTFLSSTLKSLEEKDHIHRVLDKITDTLIHLMAKAGLTLQQQHQRLAQLLLILSHIRHMSNKGMEHLYSMKCKNVVPLS
DLLLEMLDAHRLHAPTS
;
A,B
2 'polypeptide(L)' KHKILHRLLQDSSS C,D
#
loop_
_chem_comp.id
_chem_comp.type
_chem_comp.name
_chem_comp.formula
6WP non-polymer 'naphthalen-1-yl (1~{S},2~{R},4~{S})-5,6-bis(4-hydroxyphenyl)-7-oxabicyclo[2.2.1]hept-5-ene-2-sulfonate' 'C28 H22 O6 S'
#
# COMPACT_ATOMS: atom_id res chain seq x y z
N ASN A 7 -9.15 -29.44 3.13
CA ASN A 7 -9.56 -28.47 2.14
C ASN A 7 -10.46 -27.39 2.76
N SER A 8 -10.47 -26.20 2.16
CA SER A 8 -11.23 -25.06 2.68
C SER A 8 -12.56 -24.93 1.96
N LEU A 9 -13.60 -24.52 2.70
CA LEU A 9 -14.92 -24.35 2.11
C LEU A 9 -14.99 -23.12 1.22
N ALA A 10 -14.17 -22.09 1.51
CA ALA A 10 -14.26 -20.83 0.79
C ALA A 10 -13.99 -20.99 -0.70
N LEU A 11 -13.18 -21.98 -1.08
CA LEU A 11 -12.87 -22.17 -2.50
C LEU A 11 -14.01 -22.81 -3.25
N SER A 12 -14.82 -23.64 -2.59
CA SER A 12 -15.96 -24.28 -3.23
C SER A 12 -17.16 -23.35 -3.39
N LEU A 13 -17.13 -22.17 -2.77
CA LEU A 13 -18.23 -21.23 -2.91
C LEU A 13 -18.24 -20.61 -4.30
N THR A 14 -19.41 -20.14 -4.72
CA THR A 14 -19.52 -19.42 -5.97
C THR A 14 -19.38 -17.92 -5.74
N ALA A 15 -19.36 -17.16 -6.83
CA ALA A 15 -19.16 -15.73 -6.72
C ALA A 15 -20.30 -15.07 -5.97
N ASP A 16 -21.54 -15.38 -6.34
CA ASP A 16 -22.70 -14.84 -5.63
C ASP A 16 -22.76 -15.36 -4.19
N GLN A 17 -22.33 -16.59 -3.96
CA GLN A 17 -22.23 -17.09 -2.58
C GLN A 17 -21.15 -16.37 -1.81
N MET A 18 -20.06 -16.00 -2.48
CA MET A 18 -19.02 -15.22 -1.82
C MET A 18 -19.54 -13.84 -1.45
N VAL A 19 -20.25 -13.19 -2.39
CA VAL A 19 -20.84 -11.87 -2.11
C VAL A 19 -21.82 -11.97 -0.96
N SER A 20 -22.70 -12.97 -1.00
CA SER A 20 -23.74 -13.11 0.02
C SER A 20 -23.12 -13.26 1.40
N ALA A 21 -22.10 -14.10 1.53
CA ALA A 21 -21.47 -14.31 2.83
C ALA A 21 -20.78 -13.05 3.32
N LEU A 22 -20.19 -12.27 2.41
CA LEU A 22 -19.49 -11.05 2.81
C LEU A 22 -20.46 -9.96 3.24
N LEU A 23 -21.56 -9.80 2.51
CA LEU A 23 -22.58 -8.83 2.90
C LEU A 23 -23.24 -9.19 4.23
N ASP A 24 -23.41 -10.49 4.50
CA ASP A 24 -24.08 -10.91 5.73
C ASP A 24 -23.19 -10.77 6.96
N ALA A 25 -21.87 -10.78 6.78
CA ALA A 25 -20.92 -10.65 7.86
C ALA A 25 -20.62 -9.19 8.23
N GLU A 26 -21.25 -8.23 7.55
CA GLU A 26 -20.91 -6.82 7.74
C GLU A 26 -21.15 -6.41 9.19
N PRO A 27 -20.22 -5.69 9.81
CA PRO A 27 -20.43 -5.23 11.18
C PRO A 27 -21.41 -4.07 11.20
N PRO A 28 -22.07 -3.83 12.35
CA PRO A 28 -23.03 -2.73 12.42
C PRO A 28 -22.33 -1.38 12.44
N ILE A 29 -23.11 -0.34 12.13
CA ILE A 29 -22.64 1.04 12.20
C ILE A 29 -22.86 1.52 13.64
N LEU A 30 -21.78 1.70 14.37
CA LEU A 30 -21.87 2.05 15.79
C LEU A 30 -22.07 3.55 15.94
N TYR A 31 -22.50 3.94 17.14
CA TYR A 31 -22.72 5.34 17.48
C TYR A 31 -21.64 5.84 18.43
N SER A 32 -21.36 7.13 18.35
CA SER A 32 -20.44 7.77 19.27
C SER A 32 -21.21 8.24 20.52
N GLU A 33 -20.47 8.75 21.49
CA GLU A 33 -21.08 9.32 22.68
C GLU A 33 -21.79 10.63 22.31
N TYR A 34 -22.84 10.95 23.08
CA TYR A 34 -23.64 12.12 22.82
C TYR A 34 -23.18 13.28 23.69
N ASP A 35 -23.07 14.47 23.09
CA ASP A 35 -22.65 15.68 23.80
C ASP A 35 -22.95 16.91 22.95
N PRO A 39 -18.14 22.12 21.31
CA PRO A 39 -16.99 21.99 20.40
C PRO A 39 -15.90 21.07 20.94
N PHE A 40 -15.21 20.35 20.06
CA PHE A 40 -14.23 19.36 20.45
C PHE A 40 -12.87 20.01 20.68
N SER A 41 -12.19 19.55 21.72
CA SER A 41 -10.83 19.97 22.03
C SER A 41 -9.86 18.88 21.58
N GLU A 42 -8.68 18.85 22.19
CA GLU A 42 -7.70 17.81 21.85
C GLU A 42 -8.11 16.47 22.48
N ALA A 43 -8.27 16.44 23.79
CA ALA A 43 -8.52 15.18 24.49
C ALA A 43 -9.92 14.64 24.21
N SER A 44 -10.90 15.54 24.07
CA SER A 44 -12.27 15.08 23.85
C SER A 44 -12.40 14.36 22.52
N MET A 45 -11.78 14.89 21.47
CA MET A 45 -11.79 14.19 20.19
C MET A 45 -10.98 12.91 20.24
N MET A 46 -9.89 12.90 21.01
CA MET A 46 -9.13 11.67 21.21
C MET A 46 -9.97 10.62 21.94
N GLY A 47 -10.68 11.04 22.99
CA GLY A 47 -11.51 10.10 23.72
C GLY A 47 -12.69 9.59 22.89
N LEU A 48 -13.27 10.47 22.08
CA LEU A 48 -14.41 10.05 21.26
C LEU A 48 -13.99 9.04 20.20
N LEU A 49 -12.89 9.31 19.49
CA LEU A 49 -12.46 8.40 18.44
C LEU A 49 -11.87 7.11 19.02
N THR A 50 -11.16 7.21 20.15
CA THR A 50 -10.63 6.01 20.78
C THR A 50 -11.75 5.11 21.28
N ASN A 51 -12.78 5.68 21.91
CA ASN A 51 -13.89 4.87 22.39
C ASN A 51 -14.64 4.22 21.23
N LEU A 52 -14.78 4.93 20.11
CA LEU A 52 -15.49 4.36 18.97
C LEU A 52 -14.70 3.22 18.35
N ALA A 53 -13.40 3.44 18.10
CA ALA A 53 -12.57 2.40 17.51
C ALA A 53 -12.42 1.21 18.43
N ASP A 54 -12.42 1.44 19.74
CA ASP A 54 -12.31 0.33 20.68
C ASP A 54 -13.51 -0.59 20.59
N ARG A 55 -14.70 -0.03 20.38
CA ARG A 55 -15.92 -0.84 20.28
C ARG A 55 -16.06 -1.49 18.90
N GLU A 56 -15.58 -0.81 17.85
CA GLU A 56 -15.57 -1.38 16.51
C GLU A 56 -14.67 -2.61 16.40
N LEU A 57 -13.57 -2.63 17.16
CA LEU A 57 -12.63 -3.75 17.05
C LEU A 57 -13.29 -5.06 17.43
N VAL A 58 -14.20 -5.03 18.42
CA VAL A 58 -14.88 -6.26 18.83
C VAL A 58 -15.78 -6.77 17.72
N HIS A 59 -16.48 -5.87 17.04
CA HIS A 59 -17.28 -6.28 15.89
C HIS A 59 -16.41 -6.70 14.72
N MET A 60 -15.21 -6.12 14.59
CA MET A 60 -14.33 -6.48 13.49
C MET A 60 -13.81 -7.90 13.64
N ILE A 61 -13.48 -8.30 14.87
CA ILE A 61 -12.95 -9.64 15.10
C ILE A 61 -13.98 -10.70 14.77
N ASN A 62 -15.23 -10.48 15.17
CA ASN A 62 -16.28 -11.42 14.80
C ASN A 62 -16.61 -11.34 13.31
N TRP A 63 -16.41 -10.17 12.69
CA TRP A 63 -16.56 -10.07 11.24
C TRP A 63 -15.45 -10.84 10.54
N ALA A 64 -14.23 -10.77 11.05
CA ALA A 64 -13.12 -11.47 10.42
C ALA A 64 -13.33 -12.98 10.42
N LYS A 65 -13.83 -13.52 11.53
CA LYS A 65 -14.08 -14.95 11.61
C LYS A 65 -15.12 -15.42 10.59
N ARG A 66 -15.94 -14.51 10.08
CA ARG A 66 -16.95 -14.83 9.09
C ARG A 66 -16.50 -14.53 7.66
N VAL A 67 -15.28 -14.02 7.47
CA VAL A 67 -14.70 -13.90 6.15
C VAL A 67 -14.32 -15.29 5.67
N PRO A 68 -14.81 -15.74 4.52
CA PRO A 68 -14.57 -17.11 4.09
C PRO A 68 -13.08 -17.41 3.95
N GLY A 69 -12.65 -18.52 4.56
CA GLY A 69 -11.25 -18.92 4.56
C GLY A 69 -10.44 -18.43 5.74
N PHE A 70 -10.89 -17.38 6.42
CA PHE A 70 -10.16 -16.85 7.57
C PHE A 70 -10.14 -17.83 8.72
N VAL A 71 -11.25 -18.55 8.93
CA VAL A 71 -11.31 -19.50 10.05
C VAL A 71 -10.33 -20.65 9.83
N ASP A 72 -10.01 -20.96 8.57
CA ASP A 72 -9.11 -22.07 8.27
C ASP A 72 -7.67 -21.78 8.66
N LEU A 73 -7.37 -20.53 9.00
CA LEU A 73 -6.04 -20.18 9.46
C LEU A 73 -5.77 -20.65 10.85
N THR A 74 -4.51 -20.85 11.20
CA THR A 74 -4.16 -21.08 12.59
C THR A 74 -4.50 -19.85 13.42
N LEU A 75 -4.68 -20.05 14.73
CA LEU A 75 -5.02 -18.95 15.61
C LEU A 75 -3.95 -17.88 15.60
N HIS A 76 -2.69 -18.27 15.42
CA HIS A 76 -1.61 -17.29 15.31
C HIS A 76 -1.75 -16.46 14.04
N ASP A 77 -1.99 -17.12 12.90
CA ASP A 77 -2.14 -16.40 11.64
C ASP A 77 -3.30 -15.42 11.69
N GLN A 78 -4.41 -15.81 12.35
CA GLN A 78 -5.54 -14.90 12.50
C GLN A 78 -5.15 -13.68 13.32
N VAL A 79 -4.45 -13.90 14.43
CA VAL A 79 -3.99 -12.80 15.26
C VAL A 79 -3.08 -11.87 14.47
N HIS A 80 -2.18 -12.44 13.66
CA HIS A 80 -1.21 -11.61 12.95
C HIS A 80 -1.88 -10.77 11.87
N LEU A 81 -2.81 -11.34 11.10
CA LEU A 81 -3.49 -10.56 10.06
C LEU A 81 -4.27 -9.40 10.66
N LEU A 82 -4.96 -9.64 11.77
CA LEU A 82 -5.75 -8.58 12.40
C LEU A 82 -4.86 -7.50 12.97
N GLU A 83 -3.72 -7.88 13.55
CA GLU A 83 -2.80 -6.90 14.10
C GLU A 83 -2.23 -6.00 13.01
N CYS A 84 -2.10 -6.50 11.79
CA CYS A 84 -1.49 -5.71 10.72
C CYS A 84 -2.49 -4.80 10.03
N ALA A 85 -3.74 -5.22 9.92
CA ALA A 85 -4.70 -4.57 9.05
C ALA A 85 -5.84 -3.88 9.78
N TRP A 86 -5.81 -3.83 11.12
CA TRP A 86 -6.97 -3.34 11.86
C TRP A 86 -7.25 -1.88 11.57
N LEU A 87 -6.21 -1.05 11.47
CA LEU A 87 -6.46 0.36 11.19
C LEU A 87 -6.85 0.57 9.73
N GLU A 88 -6.28 -0.23 8.82
CA GLU A 88 -6.72 -0.20 7.43
C GLU A 88 -8.20 -0.53 7.30
N ILE A 89 -8.66 -1.52 8.08
CA ILE A 89 -10.05 -1.94 8.00
C ILE A 89 -10.97 -0.85 8.55
N LEU A 90 -10.52 -0.16 9.62
CA LEU A 90 -11.31 0.94 10.16
C LEU A 90 -11.41 2.10 9.18
N MET A 91 -10.32 2.37 8.45
CA MET A 91 -10.31 3.50 7.53
C MET A 91 -11.22 3.27 6.33
N ILE A 92 -11.14 2.08 5.73
CA ILE A 92 -11.97 1.83 4.55
C ILE A 92 -13.45 1.80 4.93
N GLY A 93 -13.75 1.43 6.18
CA GLY A 93 -15.12 1.58 6.66
C GLY A 93 -15.52 3.03 6.83
N LEU A 94 -14.65 3.83 7.46
CA LEU A 94 -14.93 5.26 7.60
C LEU A 94 -15.06 5.92 6.23
N VAL A 95 -14.13 5.60 5.32
CA VAL A 95 -14.18 6.14 3.97
C VAL A 95 -15.46 5.72 3.27
N TRP A 96 -15.88 4.47 3.47
CA TRP A 96 -17.12 3.99 2.85
C TRP A 96 -18.33 4.72 3.41
N ARG A 97 -18.39 4.88 4.74
CA ARG A 97 -19.54 5.54 5.35
C ARG A 97 -19.66 6.99 4.92
N SER A 98 -18.54 7.62 4.56
CA SER A 98 -18.51 9.04 4.23
C SER A 98 -18.70 9.30 2.74
N MET A 99 -19.06 8.28 1.95
CA MET A 99 -19.19 8.47 0.52
C MET A 99 -20.27 9.48 0.17
N GLU A 100 -21.41 9.40 0.85
N GLU A 100 -21.42 9.40 0.84
CA GLU A 100 -22.55 10.27 0.59
CA GLU A 100 -22.52 10.30 0.54
C GLU A 100 -22.40 11.66 1.18
C GLU A 100 -22.48 11.59 1.36
N HIS A 101 -21.31 11.92 1.92
CA HIS A 101 -21.11 13.19 2.61
C HIS A 101 -19.79 13.79 2.15
N PRO A 102 -19.79 14.45 0.98
CA PRO A 102 -18.54 15.05 0.49
C PRO A 102 -18.01 16.12 1.44
N GLY A 103 -16.69 16.10 1.64
CA GLY A 103 -16.05 17.02 2.55
C GLY A 103 -16.22 16.70 4.02
N LYS A 104 -16.92 15.62 4.35
CA LYS A 104 -17.18 15.25 5.74
C LYS A 104 -16.85 13.77 5.95
N LEU A 105 -16.38 13.47 7.15
CA LEU A 105 -16.06 12.10 7.57
C LEU A 105 -17.11 11.65 8.57
N LEU A 106 -17.89 10.63 8.18
CA LEU A 106 -18.93 10.06 9.03
C LEU A 106 -18.30 8.98 9.90
N PHE A 107 -17.74 9.39 11.04
CA PHE A 107 -17.24 8.39 11.98
C PHE A 107 -18.39 7.59 12.56
N ALA A 108 -19.47 8.28 12.91
CA ALA A 108 -20.69 7.70 13.44
C ALA A 108 -21.85 8.52 12.90
N PRO A 109 -23.07 7.96 12.88
CA PRO A 109 -24.23 8.75 12.46
C PRO A 109 -24.45 10.01 13.28
N ASN A 110 -23.95 10.06 14.51
CA ASN A 110 -24.03 11.25 15.36
C ASN A 110 -22.66 11.90 15.53
N LEU A 111 -21.78 11.76 14.53
CA LEU A 111 -20.42 12.30 14.62
C LEU A 111 -19.89 12.47 13.20
N LEU A 112 -20.16 13.64 12.61
CA LEU A 112 -19.62 14.04 11.31
C LEU A 112 -18.58 15.13 11.52
N LEU A 113 -17.38 14.91 11.00
CA LEU A 113 -16.27 15.85 11.14
C LEU A 113 -15.76 16.28 9.78
N ASP A 114 -15.28 17.52 9.71
CA ASP A 114 -14.63 18.04 8.52
C ASP A 114 -13.15 18.32 8.82
N ARG A 115 -12.51 19.06 7.93
CA ARG A 115 -11.10 19.39 8.10
C ARG A 115 -10.85 20.15 9.40
N ASN A 116 -11.62 21.21 9.63
CA ASN A 116 -11.36 22.11 10.75
C ASN A 116 -11.45 21.40 12.09
N GLN A 117 -12.28 20.35 12.18
CA GLN A 117 -12.37 19.58 13.40
C GLN A 117 -11.17 18.67 13.59
N GLY A 118 -10.50 18.27 12.51
CA GLY A 118 -9.25 17.57 12.66
C GLY A 118 -8.08 18.47 13.03
N LYS A 119 -8.31 19.78 13.10
CA LYS A 119 -7.24 20.72 13.39
C LYS A 119 -6.92 20.81 14.87
N CYS A 120 -7.88 20.53 15.74
CA CYS A 120 -7.64 20.57 17.18
C CYS A 120 -6.86 19.36 17.67
N VAL A 121 -6.39 18.50 16.77
CA VAL A 121 -5.47 17.41 17.09
C VAL A 121 -4.29 17.52 16.13
N GLU A 122 -3.09 17.77 16.67
CA GLU A 122 -1.94 18.09 15.82
C GLU A 122 -1.57 16.91 14.93
N GLY A 123 -1.45 17.19 13.64
CA GLY A 123 -1.07 16.17 12.67
C GLY A 123 -2.22 15.34 12.12
N MET A 124 -3.44 15.64 12.48
CA MET A 124 -4.51 14.77 12.10
C MET A 124 -5.23 15.30 10.90
N VAL A 125 -5.00 16.55 10.61
CA VAL A 125 -5.53 17.16 9.42
C VAL A 125 -4.99 16.58 8.12
N GLU A 126 -3.74 16.20 8.13
CA GLU A 126 -3.12 15.65 6.97
C GLU A 126 -3.79 14.34 6.58
N ILE A 127 -4.11 13.55 7.57
CA ILE A 127 -4.73 12.26 7.33
C ILE A 127 -6.23 12.39 7.10
N PHE A 128 -6.88 13.38 7.74
CA PHE A 128 -8.26 13.71 7.37
C PHE A 128 -8.35 14.04 5.88
N ASP A 129 -7.41 14.85 5.38
CA ASP A 129 -7.41 15.20 3.97
C ASP A 129 -7.24 13.97 3.09
N MET A 130 -6.36 13.06 3.49
CA MET A 130 -6.17 11.83 2.74
C MET A 130 -7.41 10.95 2.80
N LEU A 131 -8.08 10.91 3.96
CA LEU A 131 -9.32 10.16 4.08
C LEU A 131 -10.43 10.79 3.25
N LEU A 132 -10.54 12.11 3.28
CA LEU A 132 -11.54 12.78 2.45
C LEU A 132 -11.29 12.54 0.97
N ALA A 133 -10.02 12.52 0.56
CA ALA A 133 -9.71 12.27 -0.84
C ALA A 133 -10.07 10.86 -1.25
N THR A 134 -9.83 9.88 -0.37
CA THR A 134 -10.21 8.51 -0.67
C THR A 134 -11.72 8.37 -0.80
N SER A 135 -12.46 8.98 0.12
CA SER A 135 -13.92 8.89 0.08
C SER A 135 -14.48 9.51 -1.18
N SER A 136 -13.98 10.70 -1.54
CA SER A 136 -14.38 11.34 -2.79
C SER A 136 -13.96 10.50 -3.99
N ARG A 137 -12.87 9.75 -3.87
CA ARG A 137 -12.44 8.87 -4.96
C ARG A 137 -13.40 7.71 -5.14
N PHE A 138 -13.82 7.08 -4.03
CA PHE A 138 -14.83 6.02 -4.13
C PHE A 138 -16.14 6.59 -4.68
N ARG A 139 -16.47 7.83 -4.31
CA ARG A 139 -17.71 8.44 -4.79
C ARG A 139 -17.69 8.64 -6.29
N MET A 140 -16.58 9.19 -6.82
CA MET A 140 -16.46 9.37 -8.25
C MET A 140 -16.36 8.05 -9.00
N MET A 141 -15.92 6.98 -8.35
CA MET A 141 -15.92 5.66 -8.96
C MET A 141 -17.26 4.95 -8.81
N ASN A 142 -18.18 5.51 -8.02
N ASN A 142 -18.19 5.52 -8.03
CA ASN A 142 -19.48 4.88 -7.74
CA ASN A 142 -19.48 4.88 -7.75
C ASN A 142 -19.27 3.48 -7.19
C ASN A 142 -19.28 3.47 -7.19
N LEU A 143 -18.48 3.39 -6.13
CA LEU A 143 -18.18 2.11 -5.51
C LEU A 143 -19.44 1.49 -4.90
N GLN A 144 -19.72 0.25 -5.28
CA GLN A 144 -20.87 -0.47 -4.78
C GLN A 144 -20.51 -1.23 -3.51
N GLY A 145 -21.55 -1.57 -2.73
CA GLY A 145 -21.32 -2.26 -1.47
C GLY A 145 -20.71 -3.63 -1.65
N GLU A 146 -21.10 -4.34 -2.72
CA GLU A 146 -20.52 -5.65 -2.99
C GLU A 146 -19.03 -5.53 -3.33
N GLU A 147 -18.62 -4.43 -3.96
CA GLU A 147 -17.20 -4.20 -4.19
C GLU A 147 -16.49 -3.83 -2.90
N PHE A 148 -17.15 -3.06 -2.04
CA PHE A 148 -16.56 -2.62 -0.79
C PHE A 148 -16.24 -3.81 0.12
N VAL A 149 -17.19 -4.73 0.28
CA VAL A 149 -16.96 -5.86 1.18
C VAL A 149 -15.85 -6.77 0.64
N CYS A 150 -15.65 -6.76 -0.68
CA CYS A 150 -14.54 -7.53 -1.25
C CYS A 150 -13.20 -6.86 -0.95
N LEU A 151 -13.14 -5.53 -1.08
CA LEU A 151 -11.90 -4.81 -0.81
C LEU A 151 -11.50 -4.94 0.65
N LYS A 152 -12.46 -4.81 1.56
CA LYS A 152 -12.15 -4.85 2.98
C LYS A 152 -11.63 -6.23 3.40
N SER A 153 -12.21 -7.30 2.84
CA SER A 153 -11.72 -8.64 3.15
C SER A 153 -10.34 -8.86 2.54
N ILE A 154 -10.10 -8.30 1.34
CA ILE A 154 -8.77 -8.38 0.73
C ILE A 154 -7.73 -7.73 1.65
N ILE A 155 -8.06 -6.56 2.20
CA ILE A 155 -7.16 -5.89 3.13
C ILE A 155 -6.83 -6.80 4.31
N LEU A 156 -7.84 -7.52 4.82
CA LEU A 156 -7.62 -8.39 5.96
C LEU A 156 -6.63 -9.50 5.63
N LEU A 157 -6.75 -10.10 4.45
CA LEU A 157 -5.91 -11.25 4.09
C LEU A 157 -4.58 -10.83 3.49
N ASN A 158 -4.51 -9.70 2.79
CA ASN A 158 -3.30 -9.37 2.06
C ASN A 158 -2.27 -8.69 2.92
N SER A 159 -2.71 -7.79 3.82
CA SER A 159 -1.80 -6.87 4.49
C SER A 159 -0.77 -7.57 5.36
N GLY A 160 -1.04 -8.79 5.84
CA GLY A 160 -0.07 -9.48 6.66
C GLY A 160 0.38 -10.81 6.10
N VAL A 161 0.35 -10.94 4.76
CA VAL A 161 0.64 -12.23 4.12
C VAL A 161 2.13 -12.51 3.98
N TYR A 162 2.99 -11.51 4.15
CA TYR A 162 4.44 -11.70 3.99
C TYR A 162 5.21 -11.59 5.29
N THR A 163 4.54 -11.41 6.42
CA THR A 163 5.23 -11.25 7.70
C THR A 163 4.67 -12.20 8.75
N LYS A 175 -0.05 -18.88 3.99
CA LYS A 175 0.86 -18.68 2.87
C LYS A 175 0.16 -18.99 1.55
N ASP A 176 0.17 -20.26 1.16
CA ASP A 176 -0.45 -20.64 -0.10
C ASP A 176 -1.98 -20.63 -0.01
N HIS A 177 -2.53 -20.86 1.18
CA HIS A 177 -3.98 -20.87 1.32
C HIS A 177 -4.57 -19.47 1.16
N ILE A 178 -3.91 -18.46 1.71
CA ILE A 178 -4.43 -17.10 1.65
C ILE A 178 -4.47 -16.62 0.20
N HIS A 179 -3.45 -16.97 -0.59
CA HIS A 179 -3.36 -16.44 -1.95
C HIS A 179 -4.44 -17.00 -2.86
N ARG A 180 -4.85 -18.25 -2.65
CA ARG A 180 -5.95 -18.81 -3.42
C ARG A 180 -7.31 -18.30 -2.95
N VAL A 181 -7.40 -17.81 -1.70
CA VAL A 181 -8.59 -17.10 -1.27
C VAL A 181 -8.60 -15.69 -1.86
N LEU A 182 -7.43 -15.05 -1.93
CA LEU A 182 -7.33 -13.76 -2.60
C LEU A 182 -7.68 -13.88 -4.08
N ASP A 183 -7.22 -14.97 -4.73
CA ASP A 183 -7.67 -15.26 -6.09
C ASP A 183 -9.18 -15.41 -6.14
N LYS A 184 -9.77 -16.03 -5.11
CA LYS A 184 -11.23 -16.23 -5.09
C LYS A 184 -11.97 -14.90 -5.01
N ILE A 185 -11.47 -13.96 -4.20
CA ILE A 185 -12.11 -12.66 -4.09
C ILE A 185 -11.95 -11.87 -5.38
N THR A 186 -10.81 -12.04 -6.06
CA THR A 186 -10.61 -11.36 -7.34
C THR A 186 -11.62 -11.83 -8.38
N ASP A 187 -11.86 -13.13 -8.45
CA ASP A 187 -12.91 -13.66 -9.32
C ASP A 187 -14.25 -13.04 -8.97
N THR A 188 -14.50 -12.83 -7.67
CA THR A 188 -15.76 -12.24 -7.24
C THR A 188 -15.89 -10.80 -7.73
N LEU A 189 -14.83 -10.00 -7.57
CA LEU A 189 -14.87 -8.61 -8.00
C LEU A 189 -15.11 -8.50 -9.50
N ILE A 190 -14.39 -9.30 -10.30
CA ILE A 190 -14.60 -9.30 -11.74
C ILE A 190 -16.01 -9.78 -12.06
N HIS A 191 -16.50 -10.78 -11.33
CA HIS A 191 -17.87 -11.26 -11.52
C HIS A 191 -18.88 -10.16 -11.24
N LEU A 192 -18.59 -9.29 -10.27
CA LEU A 192 -19.49 -8.16 -9.99
C LEU A 192 -19.45 -7.14 -11.12
N MET A 193 -18.25 -6.83 -11.63
CA MET A 193 -18.15 -5.83 -12.68
C MET A 193 -18.73 -6.32 -14.00
N ALA A 194 -18.53 -7.59 -14.33
CA ALA A 194 -19.18 -8.16 -15.51
C ALA A 194 -20.69 -8.17 -15.34
N LYS A 195 -21.17 -8.42 -14.11
CA LYS A 195 -22.60 -8.39 -13.85
C LYS A 195 -23.16 -6.99 -13.97
N ALA A 196 -22.33 -5.96 -13.74
CA ALA A 196 -22.76 -4.58 -13.84
C ALA A 196 -22.75 -4.05 -15.27
N GLY A 197 -22.27 -4.83 -16.24
CA GLY A 197 -22.26 -4.41 -17.62
C GLY A 197 -20.94 -3.85 -18.13
N LEU A 198 -19.89 -3.87 -17.31
CA LEU A 198 -18.60 -3.35 -17.72
C LEU A 198 -18.00 -4.24 -18.80
N THR A 199 -17.34 -3.61 -19.78
CA THR A 199 -16.64 -4.37 -20.80
C THR A 199 -15.37 -4.98 -20.24
N LEU A 200 -14.75 -5.87 -21.03
CA LEU A 200 -13.52 -6.53 -20.60
C LEU A 200 -12.44 -5.52 -20.24
N GLN A 201 -12.28 -4.47 -21.05
CA GLN A 201 -11.29 -3.45 -20.74
C GLN A 201 -11.67 -2.67 -19.49
N GLN A 202 -12.94 -2.27 -19.40
CA GLN A 202 -13.38 -1.54 -18.21
C GLN A 202 -13.32 -2.39 -16.96
N GLN A 203 -13.37 -3.71 -17.11
CA GLN A 203 -13.34 -4.60 -15.95
C GLN A 203 -11.97 -4.59 -15.28
N HIS A 204 -10.92 -4.93 -16.05
CA HIS A 204 -9.59 -4.97 -15.44
C HIS A 204 -9.06 -3.58 -15.15
N GLN A 205 -9.54 -2.56 -15.86
CA GLN A 205 -9.19 -1.18 -15.52
C GLN A 205 -9.75 -0.82 -14.14
N ARG A 206 -11.04 -1.06 -13.94
CA ARG A 206 -11.66 -0.75 -12.65
C ARG A 206 -11.08 -1.60 -11.53
N LEU A 207 -10.74 -2.86 -11.85
CA LEU A 207 -10.07 -3.71 -10.87
C LEU A 207 -8.75 -3.09 -10.41
N ALA A 208 -7.95 -2.61 -11.36
CA ALA A 208 -6.67 -2.00 -11.00
C ALA A 208 -6.88 -0.72 -10.20
N GLN A 209 -7.89 0.07 -10.56
CA GLN A 209 -8.17 1.31 -9.84
C GLN A 209 -8.50 1.05 -8.38
N LEU A 210 -9.31 0.02 -8.11
CA LEU A 210 -9.68 -0.29 -6.73
C LEU A 210 -8.48 -0.79 -5.94
N LEU A 211 -7.61 -1.59 -6.58
CA LEU A 211 -6.49 -2.18 -5.85
C LEU A 211 -5.38 -1.18 -5.60
N LEU A 212 -5.22 -0.18 -6.48
CA LEU A 212 -4.23 0.86 -6.23
C LEU A 212 -4.65 1.77 -5.09
N ILE A 213 -5.96 1.90 -4.84
CA ILE A 213 -6.43 2.67 -3.70
C ILE A 213 -6.04 1.99 -2.39
N LEU A 214 -5.95 0.66 -2.39
CA LEU A 214 -5.49 -0.07 -1.22
C LEU A 214 -4.07 0.32 -0.83
N SER A 215 -3.24 0.68 -1.81
CA SER A 215 -1.90 1.15 -1.49
C SER A 215 -1.95 2.45 -0.70
N HIS A 216 -2.86 3.36 -1.08
N HIS A 216 -2.87 3.35 -1.08
CA HIS A 216 -3.02 4.61 -0.35
CA HIS A 216 -3.02 4.61 -0.36
C HIS A 216 -3.62 4.36 1.03
C HIS A 216 -3.63 4.36 1.02
N ILE A 217 -4.56 3.42 1.13
CA ILE A 217 -5.14 3.08 2.43
C ILE A 217 -4.07 2.51 3.35
N ARG A 218 -3.16 1.71 2.79
CA ARG A 218 -2.01 1.25 3.57
C ARG A 218 -1.15 2.42 4.01
N HIS A 219 -0.95 3.39 3.12
CA HIS A 219 -0.13 4.55 3.46
C HIS A 219 -0.76 5.37 4.58
N MET A 220 -2.07 5.60 4.52
CA MET A 220 -2.73 6.34 5.59
C MET A 220 -2.64 5.59 6.92
N SER A 221 -2.74 4.27 6.88
CA SER A 221 -2.64 3.49 8.10
C SER A 221 -1.26 3.60 8.72
N ASN A 222 -0.21 3.55 7.89
CA ASN A 222 1.15 3.66 8.41
C ASN A 222 1.41 5.03 9.01
N LYS A 223 1.01 6.09 8.31
CA LYS A 223 1.17 7.43 8.85
C LYS A 223 0.30 7.64 10.08
N GLY A 224 -0.90 7.04 10.09
CA GLY A 224 -1.77 7.19 11.24
C GLY A 224 -1.32 6.38 12.44
N MET A 225 -0.84 5.16 12.19
CA MET A 225 -0.27 4.36 13.27
C MET A 225 0.93 5.04 13.88
N GLU A 226 1.74 5.71 13.05
CA GLU A 226 2.93 6.38 13.53
C GLU A 226 2.60 7.40 14.63
N HIS A 227 1.48 8.11 14.48
CA HIS A 227 1.06 9.04 15.53
C HIS A 227 0.54 8.28 16.75
N LEU A 228 -0.21 7.19 16.53
CA LEU A 228 -0.83 6.47 17.63
C LEU A 228 0.21 5.96 18.64
N TYR A 229 1.20 5.21 18.17
CA TYR A 229 2.19 4.65 19.08
C TYR A 229 3.32 5.60 19.43
N SER A 230 3.20 6.88 19.05
CA SER A 230 4.14 7.87 19.55
C SER A 230 3.88 8.08 21.05
N MET A 231 4.96 8.10 21.83
CA MET A 231 4.83 8.22 23.29
C MET A 231 3.99 9.42 23.70
N LYS A 232 4.03 10.50 22.92
CA LYS A 232 3.21 11.67 23.21
C LYS A 232 1.72 11.34 23.11
N CYS A 233 1.28 10.90 21.93
CA CYS A 233 -0.13 10.54 21.75
C CYS A 233 -0.52 9.36 22.65
N LYS A 234 0.45 8.51 23.01
CA LYS A 234 0.15 7.37 23.86
C LYS A 234 -0.25 7.79 25.27
N ASN A 235 0.23 8.94 25.72
CA ASN A 235 0.02 9.39 27.09
C ASN A 235 -1.05 10.47 27.22
N VAL A 236 -1.70 10.87 26.13
CA VAL A 236 -2.75 11.89 26.24
C VAL A 236 -4.07 11.26 26.67
N VAL A 237 -4.26 9.98 26.38
CA VAL A 237 -5.59 9.37 26.37
C VAL A 237 -5.56 8.04 27.11
N PRO A 238 -6.65 7.65 27.78
CA PRO A 238 -6.78 6.25 28.22
C PRO A 238 -7.04 5.32 27.05
N LEU A 239 -5.97 4.90 26.37
CA LEU A 239 -6.10 3.85 25.37
C LEU A 239 -6.40 2.52 26.05
N SER A 240 -7.37 1.78 25.52
CA SER A 240 -7.74 0.51 26.11
C SER A 240 -6.59 -0.49 25.98
N ASP A 241 -6.60 -1.49 26.87
CA ASP A 241 -5.57 -2.52 26.81
C ASP A 241 -5.59 -3.23 25.46
N LEU A 242 -6.78 -3.48 24.92
CA LEU A 242 -6.89 -4.06 23.59
C LEU A 242 -6.27 -3.15 22.54
N LEU A 243 -6.58 -1.85 22.59
CA LEU A 243 -6.00 -0.92 21.63
C LEU A 243 -4.50 -0.80 21.81
N LEU A 244 -4.01 -0.99 23.03
CA LEU A 244 -2.56 -0.98 23.25
C LEU A 244 -1.91 -2.23 22.68
N GLU A 245 -2.55 -3.39 22.85
CA GLU A 245 -1.98 -4.62 22.29
C GLU A 245 -1.98 -4.58 20.77
N MET A 246 -3.04 -4.02 20.17
CA MET A 246 -3.03 -3.85 18.72
C MET A 246 -1.98 -2.83 18.29
N LEU A 247 -1.70 -1.85 19.15
CA LEU A 247 -0.71 -0.83 18.85
C LEU A 247 0.72 -1.37 19.02
N ASP A 248 0.96 -2.13 20.08
CA ASP A 248 2.31 -2.65 20.31
C ASP A 248 2.74 -3.60 19.21
N ALA A 249 1.78 -4.21 18.50
CA ALA A 249 2.12 -5.12 17.41
C ALA A 249 2.99 -4.41 16.37
N HIS A 250 2.73 -3.13 16.13
CA HIS A 250 3.60 -2.30 15.30
C HIS A 250 4.71 -1.69 16.15
N ARG A 251 5.51 -2.58 16.73
CA ARG A 251 6.59 -2.21 17.65
C ARG A 251 7.61 -1.26 17.02
N LEU B 9 -0.04 12.29 -25.87
CA LEU B 9 1.24 11.60 -26.08
C LEU B 9 1.17 10.16 -25.61
N ALA B 10 1.10 9.97 -24.29
CA ALA B 10 1.09 8.63 -23.71
C ALA B 10 -0.16 7.85 -24.09
N LEU B 11 -1.29 8.53 -24.27
CA LEU B 11 -2.53 7.86 -24.64
C LEU B 11 -2.56 7.44 -26.10
N SER B 12 -1.58 7.88 -26.89
CA SER B 12 -1.51 7.52 -28.30
C SER B 12 -0.71 6.24 -28.55
N LEU B 13 0.12 5.83 -27.60
CA LEU B 13 0.93 4.64 -27.75
C LEU B 13 0.09 3.39 -27.63
N THR B 14 0.56 2.31 -28.27
CA THR B 14 -0.02 0.99 -28.09
C THR B 14 0.66 0.31 -26.91
N ALA B 15 0.19 -0.90 -26.59
CA ALA B 15 0.78 -1.64 -25.47
C ALA B 15 2.23 -2.01 -25.75
N ASP B 16 2.51 -2.51 -26.95
CA ASP B 16 3.88 -2.85 -27.31
C ASP B 16 4.76 -1.61 -27.37
N GLN B 17 4.20 -0.50 -27.85
CA GLN B 17 4.94 0.76 -27.81
C GLN B 17 5.17 1.22 -26.37
N MET B 18 4.20 0.96 -25.49
CA MET B 18 4.37 1.28 -24.08
C MET B 18 5.50 0.46 -23.47
N VAL B 19 5.53 -0.85 -23.74
CA VAL B 19 6.60 -1.70 -23.23
C VAL B 19 7.94 -1.26 -23.78
N SER B 20 7.98 -0.96 -25.09
CA SER B 20 9.22 -0.52 -25.72
C SER B 20 9.76 0.74 -25.07
N ALA B 21 8.89 1.71 -24.77
CA ALA B 21 9.35 2.94 -24.15
C ALA B 21 9.88 2.67 -22.74
N LEU B 22 9.17 1.85 -21.96
CA LEU B 22 9.59 1.59 -20.59
C LEU B 22 10.90 0.81 -20.55
N LEU B 23 11.03 -0.22 -21.39
CA LEU B 23 12.23 -1.02 -21.37
C LEU B 23 13.47 -0.20 -21.73
N ASP B 24 13.35 0.65 -22.76
CA ASP B 24 14.49 1.46 -23.17
C ASP B 24 14.84 2.51 -22.13
N ALA B 25 13.84 2.97 -21.36
CA ALA B 25 14.08 3.98 -20.33
C ALA B 25 14.68 3.40 -19.06
N GLU B 26 15.00 2.11 -19.04
CA GLU B 26 15.49 1.47 -17.83
C GLU B 26 16.83 2.06 -17.39
N PRO B 27 17.00 2.37 -16.11
CA PRO B 27 18.30 2.83 -15.61
C PRO B 27 19.27 1.67 -15.49
N PRO B 28 20.57 1.93 -15.46
CA PRO B 28 21.54 0.85 -15.32
C PRO B 28 21.65 0.37 -13.88
N ILE B 29 22.29 -0.78 -13.73
CA ILE B 29 22.57 -1.36 -12.42
C ILE B 29 23.90 -0.80 -11.95
N LEU B 30 23.83 0.15 -11.02
CA LEU B 30 25.03 0.83 -10.53
C LEU B 30 25.80 -0.06 -9.58
N TYR B 31 27.11 0.18 -9.49
CA TYR B 31 27.98 -0.57 -8.60
C TYR B 31 28.20 0.18 -7.29
N SER B 32 28.56 -0.59 -6.27
CA SER B 32 28.83 -0.04 -4.95
C SER B 32 30.32 0.20 -4.76
N GLU B 33 30.66 0.94 -3.70
CA GLU B 33 32.05 1.15 -3.31
C GLU B 33 32.53 0.12 -2.31
N TYR B 34 31.97 -1.09 -2.34
CA TYR B 34 32.20 -2.09 -1.31
C TYR B 34 33.61 -2.65 -1.39
N ASP B 35 34.36 -2.54 -0.30
CA ASP B 35 35.65 -3.21 -0.17
C ASP B 35 35.44 -4.49 0.62
N PRO B 36 35.59 -5.67 0.03
CA PRO B 36 35.34 -6.91 0.77
C PRO B 36 36.28 -7.10 1.95
N THR B 37 37.46 -6.49 1.93
CA THR B 37 38.39 -6.62 3.04
C THR B 37 37.99 -5.71 4.20
N ARG B 38 37.79 -4.43 3.90
CA ARG B 38 37.47 -3.42 4.90
C ARG B 38 36.32 -3.91 5.78
N PRO B 39 36.51 -3.98 7.10
CA PRO B 39 35.58 -4.72 7.96
C PRO B 39 34.20 -4.10 7.98
N PHE B 40 33.19 -4.96 8.14
CA PHE B 40 31.82 -4.49 8.17
C PHE B 40 31.58 -3.60 9.39
N SER B 41 30.98 -2.44 9.14
CA SER B 41 30.51 -1.56 10.20
C SER B 41 29.12 -1.05 9.83
N GLU B 42 28.31 -0.79 10.86
CA GLU B 42 27.01 -0.20 10.56
C GLU B 42 27.13 1.24 10.09
N ALA B 43 28.30 1.86 10.24
CA ALA B 43 28.56 3.13 9.60
C ALA B 43 29.01 2.95 8.16
N SER B 44 29.79 1.90 7.89
CA SER B 44 30.24 1.63 6.53
C SER B 44 29.10 1.11 5.66
N MET B 45 28.33 0.16 6.19
CA MET B 45 27.18 -0.34 5.44
C MET B 45 26.15 0.76 5.20
N MET B 46 25.99 1.67 6.14
CA MET B 46 25.10 2.76 5.90
C MET B 46 25.56 3.68 4.80
N GLY B 47 26.83 4.00 4.82
CA GLY B 47 27.44 4.87 3.85
C GLY B 47 27.40 4.26 2.49
N LEU B 48 27.65 2.98 2.44
CA LEU B 48 27.57 2.24 1.22
C LEU B 48 26.18 2.22 0.61
N LEU B 49 25.17 2.00 1.42
CA LEU B 49 23.82 2.09 0.94
C LEU B 49 23.43 3.49 0.57
N THR B 50 23.90 4.46 1.31
CA THR B 50 23.57 5.86 1.08
C THR B 50 24.22 6.39 -0.20
N ASN B 51 25.51 6.06 -0.40
CA ASN B 51 26.20 6.47 -1.62
C ASN B 51 25.54 5.85 -2.86
N LEU B 52 25.10 4.59 -2.72
CA LEU B 52 24.45 3.92 -3.85
C LEU B 52 23.09 4.53 -4.16
N ALA B 53 22.25 4.68 -3.14
CA ALA B 53 20.91 5.22 -3.36
C ALA B 53 20.97 6.64 -3.91
N ASP B 54 21.93 7.44 -3.44
CA ASP B 54 22.06 8.82 -3.92
C ASP B 54 22.44 8.85 -5.40
N ARG B 55 23.31 7.94 -5.84
CA ARG B 55 23.62 7.88 -7.27
C ARG B 55 22.47 7.30 -8.06
N GLU B 56 21.71 6.36 -7.48
CA GLU B 56 20.55 5.83 -8.17
C GLU B 56 19.46 6.89 -8.33
N LEU B 57 19.38 7.84 -7.40
CA LEU B 57 18.36 8.89 -7.50
C LEU B 57 18.55 9.75 -8.75
N VAL B 58 19.80 9.96 -9.17
CA VAL B 58 20.04 10.73 -10.39
C VAL B 58 19.50 10.00 -11.60
N HIS B 59 19.75 8.69 -11.69
CA HIS B 59 19.22 7.92 -12.82
C HIS B 59 17.70 7.81 -12.74
N MET B 60 17.15 7.72 -11.53
CA MET B 60 15.71 7.64 -11.36
C MET B 60 15.02 8.92 -11.83
N ILE B 61 15.62 10.08 -11.54
CA ILE B 61 15.03 11.35 -11.95
C ILE B 61 14.94 11.44 -13.46
N ASN B 62 16.03 11.07 -14.15
CA ASN B 62 16.02 11.05 -15.61
C ASN B 62 15.19 9.89 -16.15
N TRP B 63 15.03 8.81 -15.38
CA TRP B 63 14.14 7.73 -15.80
C TRP B 63 12.69 8.19 -15.78
N ALA B 64 12.29 8.90 -14.73
CA ALA B 64 10.91 9.35 -14.63
C ALA B 64 10.53 10.26 -15.78
N LYS B 65 11.49 11.08 -16.24
CA LYS B 65 11.23 11.96 -17.38
C LYS B 65 10.88 11.17 -18.63
N ARG B 66 11.42 9.96 -18.77
CA ARG B 66 11.14 9.12 -19.92
C ARG B 66 9.93 8.22 -19.71
N VAL B 67 9.26 8.31 -18.56
CA VAL B 67 8.02 7.55 -18.34
C VAL B 67 6.89 8.24 -19.09
N PRO B 68 6.10 7.50 -19.87
CA PRO B 68 5.03 8.12 -20.67
C PRO B 68 4.05 8.89 -19.79
N GLY B 69 3.77 10.14 -20.19
CA GLY B 69 2.85 10.99 -19.49
C GLY B 69 3.46 11.83 -18.38
N PHE B 70 4.69 11.51 -17.96
CA PHE B 70 5.28 12.21 -16.82
C PHE B 70 5.66 13.64 -17.16
N VAL B 71 6.19 13.86 -18.37
CA VAL B 71 6.58 15.20 -18.78
C VAL B 71 5.36 16.12 -18.91
N ASP B 72 4.21 15.56 -19.27
CA ASP B 72 2.99 16.35 -19.40
C ASP B 72 2.57 16.98 -18.08
N LEU B 73 2.99 16.41 -16.97
CA LEU B 73 2.67 16.97 -15.65
C LEU B 73 3.50 18.23 -15.40
N THR B 74 3.00 19.08 -14.50
CA THR B 74 3.73 20.27 -14.13
C THR B 74 5.00 19.90 -13.37
N LEU B 75 5.93 20.85 -13.30
CA LEU B 75 7.16 20.65 -12.54
C LEU B 75 6.84 20.40 -11.06
N HIS B 76 5.80 21.06 -10.55
CA HIS B 76 5.43 20.86 -9.14
C HIS B 76 4.91 19.45 -8.91
N ASP B 77 4.13 18.91 -9.85
CA ASP B 77 3.58 17.57 -9.69
C ASP B 77 4.66 16.50 -9.84
N GLN B 78 5.60 16.70 -10.78
CA GLN B 78 6.72 15.78 -10.94
C GLN B 78 7.54 15.69 -9.66
N VAL B 79 7.79 16.84 -9.01
CA VAL B 79 8.51 16.85 -7.74
C VAL B 79 7.77 16.02 -6.70
N HIS B 80 6.46 16.24 -6.59
CA HIS B 80 5.67 15.57 -5.56
C HIS B 80 5.67 14.05 -5.74
N LEU B 81 5.49 13.59 -6.97
CA LEU B 81 5.40 12.15 -7.21
C LEU B 81 6.70 11.44 -6.87
N LEU B 82 7.83 12.03 -7.27
CA LEU B 82 9.13 11.45 -6.93
C LEU B 82 9.43 11.52 -5.44
N GLU B 83 8.97 12.58 -4.76
CA GLU B 83 9.22 12.68 -3.32
C GLU B 83 8.51 11.59 -2.55
N CYS B 84 7.30 11.22 -2.97
CA CYS B 84 6.53 10.23 -2.23
C CYS B 84 6.97 8.80 -2.54
N ALA B 85 7.52 8.55 -3.72
CA ALA B 85 7.71 7.18 -4.21
C ALA B 85 9.17 6.77 -4.42
N TRP B 86 10.14 7.62 -4.08
CA TRP B 86 11.52 7.31 -4.45
C TRP B 86 12.02 6.04 -3.77
N LEU B 87 11.67 5.84 -2.50
CA LEU B 87 12.11 4.63 -1.82
C LEU B 87 11.37 3.41 -2.32
N GLU B 88 10.09 3.56 -2.64
CA GLU B 88 9.33 2.47 -3.25
C GLU B 88 10.00 2.00 -4.55
N ILE B 89 10.40 2.94 -5.40
CA ILE B 89 11.03 2.60 -6.67
C ILE B 89 12.40 1.96 -6.45
N LEU B 90 13.16 2.47 -5.47
CA LEU B 90 14.44 1.84 -5.15
C LEU B 90 14.24 0.41 -4.65
N MET B 91 13.21 0.19 -3.83
CA MET B 91 12.99 -1.12 -3.23
C MET B 91 12.58 -2.15 -4.28
N ILE B 92 11.63 -1.79 -5.15
CA ILE B 92 11.17 -2.76 -6.15
C ILE B 92 12.28 -3.06 -7.15
N GLY B 93 13.18 -2.11 -7.37
CA GLY B 93 14.35 -2.41 -8.19
C GLY B 93 15.27 -3.40 -7.50
N LEU B 94 15.55 -3.16 -6.22
CA LEU B 94 16.35 -4.11 -5.43
C LEU B 94 15.69 -5.47 -5.39
N VAL B 95 14.39 -5.50 -5.12
CA VAL B 95 13.65 -6.76 -5.09
C VAL B 95 13.74 -7.48 -6.43
N TRP B 96 13.65 -6.72 -7.52
CA TRP B 96 13.72 -7.32 -8.86
C TRP B 96 15.12 -7.83 -9.16
N ARG B 97 16.16 -7.09 -8.74
CA ARG B 97 17.52 -7.55 -8.99
C ARG B 97 17.84 -8.82 -8.21
N SER B 98 17.16 -9.05 -7.09
CA SER B 98 17.47 -10.13 -6.17
C SER B 98 16.64 -11.39 -6.41
N MET B 99 15.88 -11.45 -7.51
CA MET B 99 15.01 -12.61 -7.74
C MET B 99 15.82 -13.90 -7.86
N GLU B 100 16.88 -13.90 -8.66
CA GLU B 100 17.68 -15.09 -8.88
C GLU B 100 18.62 -15.40 -7.72
N HIS B 101 18.54 -14.66 -6.61
CA HIS B 101 19.43 -14.85 -5.47
C HIS B 101 18.58 -15.04 -4.22
N PRO B 102 18.08 -16.26 -4.00
CA PRO B 102 17.22 -16.50 -2.83
C PRO B 102 17.98 -16.31 -1.52
N GLY B 103 17.34 -15.63 -0.57
CA GLY B 103 17.95 -15.32 0.70
C GLY B 103 18.97 -14.20 0.65
N LYS B 104 19.21 -13.63 -0.52
CA LYS B 104 20.19 -12.56 -0.69
C LYS B 104 19.50 -11.35 -1.32
N LEU B 105 19.92 -10.17 -0.90
CA LEU B 105 19.50 -8.91 -1.52
C LEU B 105 20.66 -8.37 -2.33
N LEU B 106 20.46 -8.22 -3.64
CA LEU B 106 21.50 -7.70 -4.53
C LEU B 106 21.35 -6.19 -4.63
N PHE B 107 21.94 -5.50 -3.64
CA PHE B 107 22.02 -4.05 -3.72
C PHE B 107 22.88 -3.60 -4.89
N ALA B 108 23.92 -4.37 -5.22
CA ALA B 108 24.78 -4.09 -6.36
C ALA B 108 25.41 -5.40 -6.80
N PRO B 109 25.91 -5.48 -8.03
CA PRO B 109 26.57 -6.73 -8.46
C PRO B 109 27.72 -7.15 -7.56
N ASN B 110 28.36 -6.19 -6.89
CA ASN B 110 29.45 -6.44 -5.96
C ASN B 110 29.02 -6.31 -4.50
N LEU B 111 27.72 -6.38 -4.22
CA LEU B 111 27.21 -6.19 -2.86
C LEU B 111 25.96 -7.06 -2.69
N LEU B 112 26.18 -8.30 -2.27
CA LEU B 112 25.10 -9.23 -1.93
C LEU B 112 25.05 -9.36 -0.41
N LEU B 113 23.88 -9.07 0.17
CA LEU B 113 23.68 -9.12 1.60
C LEU B 113 22.54 -10.08 1.93
N ASP B 114 22.70 -10.83 3.02
CA ASP B 114 21.65 -11.67 3.54
C ASP B 114 21.09 -11.07 4.83
N ARG B 115 20.35 -11.89 5.57
CA ARG B 115 19.67 -11.42 6.78
C ARG B 115 20.65 -10.82 7.78
N ASN B 116 21.72 -11.55 8.10
CA ASN B 116 22.56 -11.18 9.22
C ASN B 116 23.38 -9.92 8.96
N GLN B 117 23.63 -9.58 7.69
CA GLN B 117 24.22 -8.28 7.40
C GLN B 117 23.27 -7.15 7.77
N GLY B 118 21.97 -7.36 7.56
CA GLY B 118 20.98 -6.41 8.01
C GLY B 118 20.91 -6.28 9.51
N LYS B 119 21.36 -7.30 10.25
CA LYS B 119 21.42 -7.19 11.70
C LYS B 119 22.49 -6.21 12.15
N CYS B 120 23.54 -6.01 11.34
CA CYS B 120 24.56 -5.02 11.65
C CYS B 120 23.95 -3.64 11.86
N VAL B 121 22.79 -3.37 11.28
CA VAL B 121 22.02 -2.15 11.51
C VAL B 121 20.82 -2.50 12.38
N GLU B 122 20.52 -1.62 13.35
CA GLU B 122 19.45 -1.87 14.30
C GLU B 122 18.10 -1.59 13.66
N GLY B 123 17.23 -2.60 13.63
CA GLY B 123 15.89 -2.44 13.08
C GLY B 123 15.78 -2.57 11.58
N MET B 124 16.84 -2.99 10.89
CA MET B 124 16.81 -3.17 9.44
C MET B 124 16.56 -4.61 9.02
N VAL B 125 16.77 -5.57 9.91
CA VAL B 125 16.58 -6.98 9.57
C VAL B 125 15.11 -7.27 9.31
N GLU B 126 14.19 -6.59 10.01
CA GLU B 126 12.77 -6.82 9.75
C GLU B 126 12.39 -6.35 8.35
N ILE B 127 12.98 -5.24 7.90
CA ILE B 127 12.71 -4.76 6.55
C ILE B 127 13.41 -5.63 5.53
N PHE B 128 14.59 -6.15 5.87
CA PHE B 128 15.28 -7.10 4.99
C PHE B 128 14.40 -8.32 4.71
N ASP B 129 13.77 -8.87 5.75
CA ASP B 129 12.92 -10.03 5.57
C ASP B 129 11.74 -9.73 4.67
N MET B 130 11.15 -8.54 4.82
CA MET B 130 10.02 -8.17 3.96
C MET B 130 10.48 -8.01 2.51
N LEU B 131 11.66 -7.43 2.30
CA LEU B 131 12.23 -7.35 0.97
C LEU B 131 12.54 -8.74 0.42
N LEU B 132 13.06 -9.63 1.26
CA LEU B 132 13.33 -11.00 0.82
C LEU B 132 12.04 -11.71 0.47
N ALA B 133 10.99 -11.52 1.27
CA ALA B 133 9.70 -12.15 0.99
C ALA B 133 9.11 -11.63 -0.31
N THR B 134 9.29 -10.34 -0.58
CA THR B 134 8.80 -9.78 -1.84
C THR B 134 9.59 -10.34 -3.02
N SER B 135 10.91 -10.43 -2.87
CA SER B 135 11.74 -11.01 -3.93
C SER B 135 11.36 -12.46 -4.18
N SER B 136 11.12 -13.22 -3.11
CA SER B 136 10.67 -14.60 -3.26
C SER B 136 9.31 -14.66 -3.96
N ARG B 137 8.42 -13.71 -3.65
CA ARG B 137 7.10 -13.71 -4.28
C ARG B 137 7.20 -13.48 -5.78
N PHE B 138 8.08 -12.58 -6.20
CA PHE B 138 8.32 -12.38 -7.63
C PHE B 138 8.92 -13.62 -8.28
N ARG B 139 9.75 -14.35 -7.55
CA ARG B 139 10.37 -15.55 -8.10
C ARG B 139 9.32 -16.63 -8.36
N MET B 140 8.42 -16.86 -7.40
CA MET B 140 7.36 -17.85 -7.58
C MET B 140 6.42 -17.45 -8.71
N MET B 141 6.10 -16.15 -8.81
CA MET B 141 5.23 -15.66 -9.85
C MET B 141 5.89 -15.63 -11.22
N ASN B 142 7.20 -15.88 -11.30
CA ASN B 142 7.94 -15.83 -12.56
C ASN B 142 7.74 -14.48 -13.24
N LEU B 143 7.97 -13.41 -12.46
CA LEU B 143 7.72 -12.06 -12.94
C LEU B 143 8.63 -11.73 -14.12
N GLN B 144 8.03 -11.20 -15.18
CA GLN B 144 8.76 -10.84 -16.38
C GLN B 144 9.20 -9.38 -16.32
N GLY B 145 10.32 -9.09 -17.01
CA GLY B 145 10.85 -7.74 -17.00
C GLY B 145 9.87 -6.73 -17.56
N GLU B 146 9.08 -7.14 -18.56
CA GLU B 146 8.05 -6.26 -19.09
C GLU B 146 6.98 -5.96 -18.06
N GLU B 147 6.73 -6.89 -17.13
CA GLU B 147 5.78 -6.64 -16.06
C GLU B 147 6.40 -5.78 -14.96
N PHE B 148 7.70 -5.94 -14.71
CA PHE B 148 8.37 -5.15 -13.67
C PHE B 148 8.40 -3.68 -14.03
N VAL B 149 8.73 -3.35 -15.28
CA VAL B 149 8.79 -1.94 -15.67
C VAL B 149 7.40 -1.32 -15.66
N CYS B 150 6.35 -2.12 -15.89
CA CYS B 150 4.99 -1.62 -15.77
C CYS B 150 4.66 -1.29 -14.32
N LEU B 151 4.99 -2.20 -13.40
CA LEU B 151 4.70 -1.97 -11.99
C LEU B 151 5.49 -0.79 -11.44
N LYS B 152 6.74 -0.65 -11.86
CA LYS B 152 7.59 0.41 -11.32
C LYS B 152 7.09 1.79 -11.73
N SER B 153 6.62 1.94 -12.97
CA SER B 153 6.05 3.21 -13.40
C SER B 153 4.67 3.46 -12.83
N ILE B 154 3.94 2.40 -12.48
CA ILE B 154 2.67 2.57 -11.76
C ILE B 154 2.93 3.19 -10.39
N ILE B 155 3.97 2.72 -9.69
CA ILE B 155 4.35 3.29 -8.40
C ILE B 155 4.65 4.78 -8.54
N LEU B 156 5.33 5.16 -9.62
CA LEU B 156 5.69 6.57 -9.82
C LEU B 156 4.46 7.45 -9.94
N LEU B 157 3.44 6.97 -10.65
CA LEU B 157 2.25 7.78 -10.92
C LEU B 157 1.16 7.64 -9.89
N ASN B 158 1.22 6.59 -9.06
CA ASN B 158 0.13 6.31 -8.12
C ASN B 158 0.43 6.70 -6.69
N SER B 159 1.70 6.63 -6.25
CA SER B 159 2.02 6.80 -4.85
C SER B 159 1.80 8.21 -4.33
N GLY B 160 1.58 9.19 -5.21
CA GLY B 160 1.33 10.54 -4.75
C GLY B 160 0.19 11.22 -5.47
N VAL B 161 -0.71 10.42 -6.07
CA VAL B 161 -1.79 11.01 -6.85
C VAL B 161 -2.92 11.50 -5.96
N TYR B 162 -3.01 10.98 -4.75
CA TYR B 162 -4.01 11.38 -3.80
C TYR B 162 -3.42 12.24 -2.72
N THR B 163 -2.23 12.76 -2.92
CA THR B 163 -1.62 13.58 -1.92
C THR B 163 -1.41 15.01 -2.39
N PHE B 164 -1.90 15.32 -3.56
CA PHE B 164 -1.60 16.62 -4.16
C PHE B 164 -2.04 17.76 -3.25
N GLU B 173 -8.62 16.84 -12.47
CA GLU B 173 -7.92 17.82 -13.26
C GLU B 173 -6.60 17.26 -13.79
N GLU B 174 -5.49 17.76 -13.25
CA GLU B 174 -4.19 17.16 -13.56
C GLU B 174 -4.10 15.74 -13.03
N LYS B 175 -4.78 15.45 -11.92
CA LYS B 175 -4.84 14.08 -11.43
C LYS B 175 -5.67 13.19 -12.35
N ASP B 176 -6.60 13.77 -13.11
CA ASP B 176 -7.40 12.99 -14.04
C ASP B 176 -6.54 12.45 -15.19
N HIS B 177 -5.56 13.25 -15.64
CA HIS B 177 -4.69 12.80 -16.71
C HIS B 177 -3.83 11.62 -16.27
N ILE B 178 -3.39 11.62 -15.01
CA ILE B 178 -2.58 10.53 -14.49
C ILE B 178 -3.37 9.23 -14.49
N HIS B 179 -4.66 9.30 -14.09
CA HIS B 179 -5.48 8.09 -14.06
C HIS B 179 -5.67 7.50 -15.45
N ARG B 180 -5.72 8.34 -16.49
CA ARG B 180 -5.81 7.84 -17.85
C ARG B 180 -4.51 7.11 -18.25
N VAL B 181 -3.37 7.63 -17.81
CA VAL B 181 -2.10 6.95 -18.05
C VAL B 181 -2.02 5.65 -17.25
N LEU B 182 -2.55 5.66 -16.03
CA LEU B 182 -2.55 4.45 -15.20
C LEU B 182 -3.39 3.36 -15.85
N ASP B 183 -4.58 3.70 -16.34
CA ASP B 183 -5.40 2.75 -17.08
C ASP B 183 -4.68 2.23 -18.32
N LYS B 184 -3.86 3.09 -18.95
CA LYS B 184 -3.10 2.67 -20.12
C LYS B 184 -2.07 1.61 -19.75
N ILE B 185 -1.44 1.75 -18.59
CA ILE B 185 -0.46 0.76 -18.15
C ILE B 185 -1.16 -0.54 -17.74
N THR B 186 -2.41 -0.44 -17.28
CA THR B 186 -3.18 -1.66 -16.99
C THR B 186 -3.50 -2.41 -18.27
N ASP B 187 -3.93 -1.69 -19.31
CA ASP B 187 -4.11 -2.31 -20.62
C ASP B 187 -2.83 -2.97 -21.09
N THR B 188 -1.69 -2.36 -20.81
CA THR B 188 -0.40 -2.93 -21.19
C THR B 188 -0.13 -4.22 -20.42
N LEU B 189 -0.46 -4.25 -19.14
CA LEU B 189 -0.23 -5.47 -18.36
C LEU B 189 -1.09 -6.61 -18.85
N ILE B 190 -2.38 -6.35 -19.08
CA ILE B 190 -3.28 -7.39 -19.58
C ILE B 190 -2.81 -7.87 -20.94
N HIS B 191 -2.32 -6.95 -21.78
CA HIS B 191 -1.80 -7.31 -23.09
C HIS B 191 -0.64 -8.31 -22.98
N LEU B 192 0.24 -8.10 -22.01
CA LEU B 192 1.37 -9.01 -21.83
C LEU B 192 0.92 -10.39 -21.37
N MET B 193 0.02 -10.43 -20.38
CA MET B 193 -0.44 -11.72 -19.86
C MET B 193 -1.23 -12.49 -20.92
N ALA B 194 -2.07 -11.79 -21.69
CA ALA B 194 -2.79 -12.46 -22.76
C ALA B 194 -1.84 -13.04 -23.79
N LYS B 195 -0.71 -12.35 -24.04
CA LYS B 195 0.27 -12.87 -24.98
C LYS B 195 1.07 -14.04 -24.40
N ALA B 196 1.13 -14.16 -23.07
CA ALA B 196 1.81 -15.27 -22.41
C ALA B 196 0.98 -16.55 -22.38
N GLY B 197 -0.19 -16.55 -23.03
CA GLY B 197 -1.06 -17.71 -23.04
C GLY B 197 -1.99 -17.83 -21.86
N LEU B 198 -2.00 -16.85 -20.95
CA LEU B 198 -2.87 -16.90 -19.80
C LEU B 198 -4.32 -16.72 -20.21
N THR B 199 -5.21 -17.42 -19.50
CA THR B 199 -6.63 -17.25 -19.73
C THR B 199 -7.12 -15.97 -19.07
N LEU B 200 -8.35 -15.58 -19.42
CA LEU B 200 -8.93 -14.36 -18.88
C LEU B 200 -8.96 -14.37 -17.35
N GLN B 201 -9.35 -15.50 -16.77
CA GLN B 201 -9.33 -15.62 -15.31
C GLN B 201 -7.91 -15.50 -14.77
N GLN B 202 -6.94 -16.13 -15.46
CA GLN B 202 -5.55 -16.05 -15.02
C GLN B 202 -5.01 -14.63 -15.17
N GLN B 203 -5.43 -13.92 -16.22
CA GLN B 203 -4.98 -12.54 -16.40
C GLN B 203 -5.44 -11.65 -15.26
N HIS B 204 -6.73 -11.74 -14.91
CA HIS B 204 -7.27 -10.92 -13.83
C HIS B 204 -6.63 -11.28 -12.49
N GLN B 205 -6.42 -12.58 -12.24
CA GLN B 205 -5.80 -13.00 -11.00
C GLN B 205 -4.37 -12.49 -10.89
N ARG B 206 -3.56 -12.72 -11.93
CA ARG B 206 -2.17 -12.27 -11.89
C ARG B 206 -2.08 -10.75 -11.77
N LEU B 207 -2.94 -10.04 -12.48
CA LEU B 207 -2.99 -8.58 -12.35
C LEU B 207 -3.28 -8.17 -10.91
N ALA B 208 -4.22 -8.84 -10.26
CA ALA B 208 -4.53 -8.53 -8.87
C ALA B 208 -3.37 -8.88 -7.96
N GLN B 209 -2.74 -10.04 -8.19
CA GLN B 209 -1.61 -10.44 -7.35
C GLN B 209 -0.48 -9.42 -7.44
N LEU B 210 -0.27 -8.84 -8.63
CA LEU B 210 0.82 -7.90 -8.80
C LEU B 210 0.56 -6.58 -8.09
N LEU B 211 -0.67 -6.06 -8.18
CA LEU B 211 -0.99 -4.79 -7.56
C LEU B 211 -1.11 -4.90 -6.04
N LEU B 212 -1.46 -6.08 -5.52
CA LEU B 212 -1.46 -6.26 -4.07
C LEU B 212 -0.05 -6.20 -3.50
N ILE B 213 0.95 -6.55 -4.30
CA ILE B 213 2.34 -6.46 -3.85
C ILE B 213 2.74 -5.00 -3.66
N LEU B 214 2.18 -4.09 -4.46
CA LEU B 214 2.50 -2.67 -4.29
C LEU B 214 2.03 -2.14 -2.95
N SER B 215 1.00 -2.75 -2.37
CA SER B 215 0.60 -2.39 -1.02
C SER B 215 1.70 -2.76 -0.02
N HIS B 216 2.39 -3.88 -0.25
CA HIS B 216 3.49 -4.27 0.63
C HIS B 216 4.72 -3.40 0.37
N ILE B 217 4.99 -3.07 -0.89
CA ILE B 217 6.10 -2.17 -1.19
C ILE B 217 5.86 -0.81 -0.56
N ARG B 218 4.61 -0.36 -0.54
CA ARG B 218 4.28 0.88 0.17
C ARG B 218 4.53 0.73 1.66
N HIS B 219 4.18 -0.42 2.22
CA HIS B 219 4.40 -0.65 3.65
C HIS B 219 5.88 -0.65 3.99
N MET B 220 6.71 -1.28 3.16
CA MET B 220 8.14 -1.31 3.43
C MET B 220 8.75 0.09 3.29
N SER B 221 8.27 0.88 2.33
CA SER B 221 8.78 2.23 2.14
C SER B 221 8.44 3.11 3.34
N ASN B 222 7.18 3.08 3.79
CA ASN B 222 6.79 3.88 4.95
C ASN B 222 7.61 3.50 6.18
N LYS B 223 7.83 2.20 6.39
CA LYS B 223 8.61 1.78 7.54
C LYS B 223 10.08 2.16 7.40
N GLY B 224 10.64 1.99 6.20
CA GLY B 224 12.02 2.39 5.97
C GLY B 224 12.21 3.89 6.09
N MET B 225 11.25 4.67 5.58
CA MET B 225 11.33 6.12 5.71
C MET B 225 11.26 6.54 7.18
N GLU B 226 10.45 5.84 7.97
CA GLU B 226 10.35 6.13 9.40
C GLU B 226 11.69 5.91 10.09
N HIS B 227 12.45 4.89 9.66
CA HIS B 227 13.79 4.70 10.20
C HIS B 227 14.79 5.63 9.57
N LEU B 228 14.55 6.05 8.32
CA LEU B 228 15.49 6.93 7.62
C LEU B 228 15.61 8.28 8.31
N TYR B 229 14.50 9.01 8.45
CA TYR B 229 14.57 10.16 9.33
C TYR B 229 14.64 9.67 10.78
N SER B 230 15.08 10.56 11.66
CA SER B 230 15.87 10.20 12.83
C SER B 230 17.18 9.57 12.36
N MET B 231 17.84 10.26 11.44
CA MET B 231 18.99 9.77 10.66
C MET B 231 19.96 8.89 11.44
N PRO B 238 24.57 9.96 7.92
CA PRO B 238 25.44 10.63 6.95
C PRO B 238 24.84 10.65 5.55
N LEU B 239 23.76 11.41 5.37
CA LEU B 239 23.02 11.43 4.13
C LEU B 239 23.52 12.54 3.20
N SER B 240 23.20 12.41 1.92
CA SER B 240 23.55 13.38 0.91
C SER B 240 22.52 14.51 0.87
N ASP B 241 22.86 15.59 0.15
CA ASP B 241 21.97 16.74 0.08
C ASP B 241 20.70 16.42 -0.69
N LEU B 242 20.75 15.49 -1.64
CA LEU B 242 19.54 15.08 -2.36
C LEU B 242 18.67 14.17 -1.50
N LEU B 243 19.27 13.21 -0.81
CA LEU B 243 18.50 12.33 0.06
C LEU B 243 17.83 13.10 1.18
N LEU B 244 18.50 14.13 1.70
CA LEU B 244 17.91 14.96 2.75
C LEU B 244 16.67 15.67 2.26
N GLU B 245 16.72 16.24 1.05
CA GLU B 245 15.56 16.95 0.53
C GLU B 245 14.42 15.99 0.19
N MET B 246 14.76 14.74 -0.20
CA MET B 246 13.71 13.73 -0.39
C MET B 246 13.14 13.29 0.94
N LEU B 247 14.02 13.04 1.92
CA LEU B 247 13.57 12.60 3.24
C LEU B 247 12.76 13.69 3.95
N ASP B 248 13.06 14.96 3.68
CA ASP B 248 12.35 16.05 4.33
C ASP B 248 10.89 16.09 3.91
N ALA B 249 10.58 15.59 2.71
CA ALA B 249 9.21 15.59 2.22
C ALA B 249 8.30 14.66 3.00
N HIS B 250 8.86 13.62 3.65
CA HIS B 250 8.06 12.71 4.46
C HIS B 250 8.02 13.09 5.92
N ARG B 251 9.03 13.82 6.42
CA ARG B 251 9.06 14.24 7.81
C ARG B 251 8.41 15.60 8.00
N HIS C 2 -2.55 -14.30 27.53
CA HIS C 2 -1.59 -13.20 27.61
C HIS C 2 -1.79 -12.21 26.45
N LYS C 3 -2.97 -12.26 25.84
CA LYS C 3 -3.32 -11.31 24.77
C LYS C 3 -4.83 -11.28 24.61
N ILE C 4 -5.40 -10.07 24.63
CA ILE C 4 -6.86 -9.93 24.50
C ILE C 4 -7.34 -10.45 23.16
N LEU C 5 -6.52 -10.32 22.12
CA LEU C 5 -6.91 -10.77 20.78
C LEU C 5 -7.12 -12.27 20.72
N HIS C 6 -6.36 -13.04 21.51
CA HIS C 6 -6.55 -14.49 21.54
C HIS C 6 -7.94 -14.84 22.03
N ARG C 7 -8.40 -14.19 23.10
CA ARG C 7 -9.67 -14.55 23.69
C ARG C 7 -10.84 -14.18 22.80
N LEU C 8 -10.80 -12.99 22.19
CA LEU C 8 -11.92 -12.55 21.37
C LEU C 8 -12.06 -13.39 20.10
N LEU C 9 -10.94 -13.91 19.58
CA LEU C 9 -10.97 -14.74 18.39
C LEU C 9 -11.48 -16.15 18.67
N GLN C 10 -11.43 -16.61 19.92
CA GLN C 10 -11.92 -17.93 20.29
C GLN C 10 -13.36 -17.92 20.79
N ASP C 11 -13.80 -16.83 21.41
CA ASP C 11 -15.18 -16.72 21.89
C ASP C 11 -16.13 -16.51 20.71
N HIS D 2 14.51 25.71 -6.92
CA HIS D 2 14.45 25.61 -5.47
C HIS D 2 15.19 24.37 -4.97
N LYS D 3 14.49 23.24 -4.95
CA LYS D 3 15.07 21.99 -4.49
C LYS D 3 16.04 21.44 -5.53
N ILE D 4 16.93 20.55 -5.06
CA ILE D 4 17.79 19.81 -5.98
C ILE D 4 16.94 18.97 -6.93
N LEU D 5 15.82 18.47 -6.43
CA LEU D 5 14.93 17.66 -7.27
C LEU D 5 14.33 18.50 -8.39
N HIS D 6 13.84 19.70 -8.06
CA HIS D 6 13.33 20.60 -9.08
C HIS D 6 14.44 21.04 -10.04
N ARG D 7 15.67 21.15 -9.53
CA ARG D 7 16.80 21.52 -10.36
C ARG D 7 17.01 20.50 -11.49
N LEU D 8 17.13 19.23 -11.14
CA LEU D 8 17.45 18.21 -12.14
C LEU D 8 16.27 17.93 -13.06
N LEU D 9 15.05 18.09 -12.56
CA LEU D 9 13.88 17.77 -13.38
C LEU D 9 13.70 18.78 -14.51
N GLN D 10 14.03 20.05 -14.27
CA GLN D 10 13.84 21.09 -15.27
C GLN D 10 15.02 21.23 -16.23
N ASP D 11 16.14 20.57 -15.96
CA ASP D 11 17.28 20.59 -16.87
C ASP D 11 17.06 19.68 -18.07
C01 6WP E . -11.23 5.84 11.75
C02 6WP E . -12.24 4.97 11.53
C03 6WP E . -12.82 4.41 12.61
O01 6WP E . -13.78 3.58 12.40
C04 6WP E . -12.43 4.69 13.89
C05 6WP E . -11.40 5.58 14.07
C06 6WP E . -10.80 6.17 13.00
C07 6WP E . -9.80 7.04 13.13
C08 6WP E . -8.93 7.29 14.13
C09 6WP E . -8.68 6.77 15.33
C10 6WP E . -8.55 5.42 15.52
C11 6WP E . -8.21 4.92 16.76
C12 6WP E . -7.96 5.79 17.79
O02 6WP E . -7.65 5.34 18.98
C13 6WP E . -8.05 7.13 17.60
C14 6WP E . -8.40 7.61 16.37
C15 6WP E . -8.06 8.26 13.63
O03 6WP E . -8.88 8.99 12.82
C16 6WP E . -9.37 7.95 12.11
C17 6WP E . -8.08 7.53 11.44
C18 6WP E . -7.11 7.62 12.60
S01 6WP E . -5.53 8.66 12.31
O04 6WP E . -5.82 10.07 12.12
O05 6WP E . -4.91 8.23 11.10
O06 6WP E . -4.61 8.34 13.35
C19 6WP E . -4.48 9.00 14.50
C20 6WP E . -3.89 10.24 14.50
C21 6WP E . -3.52 10.85 13.33
C22 6WP E . -2.94 12.10 13.36
C23 6WP E . -2.76 12.76 14.56
C24 6WP E . -3.14 12.15 15.72
C25 6WP E . -3.71 10.91 15.70
C26 6WP E . -4.07 10.34 16.90
C27 6WP E . -4.62 9.09 16.89
C28 6WP E . -4.81 8.43 15.69
C01 6WP F . 17.45 -0.45 -1.40
C02 6WP F . 17.65 -0.45 -2.74
C03 6WP F . 18.55 0.41 -3.27
O01 6WP F . 18.79 0.45 -4.54
C04 6WP F . 19.23 1.25 -2.44
C05 6WP F . 19.02 1.24 -1.09
C06 6WP F . 18.12 0.38 -0.53
C07 6WP F . 17.86 0.32 0.79
C08 6WP F . 18.12 1.14 1.84
C09 6WP F . 18.69 2.31 2.02
C10 6WP F . 18.35 3.38 1.27
C11 6WP F . 18.92 4.60 1.52
C12 6WP F . 19.83 4.78 2.53
O02 6WP F . 20.38 5.97 2.74
C13 6WP F . 20.17 3.72 3.31
C14 6WP F . 19.59 2.49 3.05
C15 6WP F . 17.49 0.57 2.94
O03 6WP F . 17.62 -0.76 2.68
C16 6WP F . 17.12 -0.71 1.42
C17 6WP F . 15.71 -0.34 1.79
C18 6WP F . 15.98 0.71 2.82
S01 6WP F . 15.52 0.39 4.62
O04 6WP F . 16.06 -0.88 5.03
O05 6WP F . 14.10 0.28 4.72
O06 6WP F . 15.97 1.53 5.40
C19 6WP F . 16.24 1.34 6.72
C20 6WP F . 17.23 2.13 7.26
C21 6WP F . 17.93 3.02 6.48
C22 6WP F . 18.91 3.79 7.01
C23 6WP F . 19.18 3.66 8.34
C24 6WP F . 18.50 2.78 9.13
C25 6WP F . 17.53 2.00 8.60
C26 6WP F . 16.87 1.14 9.41
C27 6WP F . 15.89 0.37 8.89
C28 6WP F . 15.58 0.47 7.55
#